data_6UFM
#
_entry.id   6UFM
#
_cell.length_a   42.230
_cell.length_b   93.980
_cell.length_c   179.630
_cell.angle_alpha   90.000
_cell.angle_beta   90.000
_cell.angle_gamma   90.000
#
_symmetry.space_group_name_H-M   'P 2 2 21'
#
loop_
_entity.id
_entity.type
_entity.pdbx_description
1 polymer 'RNA (77-MER)'
2 polymer 'RNA (98-MER)'
3 non-polymer 'SULFATE ION'
#
loop_
_entity_poly.entity_id
_entity_poly.type
_entity_poly.pdbx_seq_one_letter_code
_entity_poly.pdbx_strand_id
1 'polyribonucleotide' GGGCCUAUAGCUCAGGCGGUUAGAGCGCUUCGCUGAUAACGAAGAGGUCGGAGGUUCGAGUCCUCCUAGGCCCACCA A
2 'polyribonucleotide'
;GGCGACGAUCCGGCCAUCACCGGGGAGCCUUCGGAAGAACGGCGCCGCCGGAAACGGCGGCGCUCAGUAGAACCGAACGG
GUGAGCCCGUCACAGCUC
;
B
#
loop_
_chem_comp.id
_chem_comp.type
_chem_comp.name
_chem_comp.formula
A RNA linking ADENOSINE-5'-MONOPHOSPHATE 'C10 H14 N5 O7 P'
C RNA linking CYTIDINE-5'-MONOPHOSPHATE 'C9 H14 N3 O8 P'
G RNA linking GUANOSINE-5'-MONOPHOSPHATE 'C10 H14 N5 O8 P'
SO4 non-polymer 'SULFATE ION' 'O4 S -2'
U RNA linking URIDINE-5'-MONOPHOSPHATE 'C9 H13 N2 O9 P'
#
# COMPACT_ATOMS: atom_id res chain seq x y z
S SO4 C . 0.00 -0.01 0.00
O1 SO4 C . -1.43 0.25 -0.16
O2 SO4 C . 0.21 -1.38 0.44
O3 SO4 C . 0.56 0.91 0.99
O4 SO4 C . 0.66 0.22 -1.27
#